data_6G2N
#
_entry.id   6G2N
#
_cell.length_a   38.877
_cell.length_b   47.231
_cell.length_c   61.795
_cell.angle_alpha   67.860
_cell.angle_beta   88.690
_cell.angle_gamma   77.370
#
_symmetry.space_group_name_H-M   'P 1'
#
loop_
_entity.id
_entity.type
_entity.pdbx_description
1 polymer "5'(3')-deoxyribonucleotidase, cytosolic type"
2 non-polymer 'MAGNESIUM ION'
3 non-polymer '[(2~{R},4~{a}~{R},6~{R},7~{a}~{R})-6-[2,4-bis(oxidanylidene)-5-[(~{E})-3-phosphonoprop-1-enyl]pyrimidin-1-yl]-2-phenyl-4~{a},6,7,7~{a}-tetrahydro-4~{H}-furo[3,2-d][1,3]dioxin-2-yl]phosphonic acid'
4 water water
#
_entity_poly.entity_id   1
_entity_poly.type   'polypeptide(L)'
_entity_poly.pdbx_seq_one_letter_code
;SNAASARSVRVLVDMDGVLADFEAGLLRGFRRRFPEEPHVPLEQRRGFLAREQYRALRPDLADKVASVYEAPGFFLDLEP
IPGALDAVREMNDLPDTQVFICTSPLLKYHHCVGEKYRWVEQHLGPQFVERIILTRDKTVVLGDLLIDDKDTVRGQEETP
SWEHILFT(CME)(CME)HNRHLVLPPTRRRLLSWSDNWREILDSKRGAAQRE
;
_entity_poly.pdbx_strand_id   A,B
#
loop_
_chem_comp.id
_chem_comp.type
_chem_comp.name
_chem_comp.formula
MG non-polymer 'MAGNESIUM ION' 'Mg 2'
O84 non-polymer '[(2~{R},4~{a}~{R},6~{R},7~{a}~{R})-6-[2,4-bis(oxidanylidene)-5-[(~{E})-3-phosphonoprop-1-enyl]pyrimidin-1-yl]-2-phenyl-4~{a},6,7,7~{a}-tetrahydro-4~{H}-furo[3,2-d][1,3]dioxin-2-yl]phosphonic acid' 'C19 H22 N2 O11 P2'
#
# COMPACT_ATOMS: atom_id res chain seq x y z
N SER A 8 -4.13 -17.24 14.99
CA SER A 8 -4.75 -16.54 13.84
C SER A 8 -4.01 -16.89 12.58
N VAL A 9 -4.77 -17.20 11.54
CA VAL A 9 -4.17 -17.38 10.22
C VAL A 9 -4.41 -16.06 9.49
N ARG A 10 -3.34 -15.50 9.01
CA ARG A 10 -3.43 -14.29 8.16
C ARG A 10 -3.29 -14.61 6.67
N VAL A 11 -4.33 -14.28 5.92
CA VAL A 11 -4.37 -14.61 4.49
C VAL A 11 -4.14 -13.28 3.73
N LEU A 12 -3.17 -13.29 2.86
CA LEU A 12 -2.94 -12.16 1.92
C LEU A 12 -3.57 -12.55 0.57
N VAL A 13 -4.54 -11.77 0.15
CA VAL A 13 -5.29 -12.09 -1.03
C VAL A 13 -4.94 -11.05 -2.10
N ASP A 14 -4.42 -11.51 -3.23
CA ASP A 14 -4.16 -10.64 -4.37
C ASP A 14 -5.48 -10.03 -4.87
N MET A 15 -5.41 -8.88 -5.49
CA MET A 15 -6.57 -8.27 -6.07
C MET A 15 -6.73 -8.62 -7.59
N ASP A 16 -5.82 -8.14 -8.42
CA ASP A 16 -5.93 -8.49 -9.82
C ASP A 16 -5.71 -9.96 -10.03
N GLY A 17 -6.59 -10.57 -10.78
CA GLY A 17 -6.49 -12.01 -11.12
C GLY A 17 -7.08 -12.96 -10.12
N VAL A 18 -7.54 -12.42 -8.99
CA VAL A 18 -7.99 -13.23 -7.81
C VAL A 18 -9.35 -12.72 -7.33
N LEU A 19 -9.40 -11.43 -7.09
CA LEU A 19 -10.68 -10.74 -6.78
C LEU A 19 -11.30 -10.04 -7.93
N ALA A 20 -10.47 -9.31 -8.71
CA ALA A 20 -10.89 -8.47 -9.81
C ALA A 20 -10.40 -9.04 -11.11
N ASP A 21 -11.27 -9.17 -12.09
CA ASP A 21 -10.92 -9.87 -13.36
C ASP A 21 -10.26 -8.92 -14.39
N PHE A 22 -8.97 -8.68 -14.15
CA PHE A 22 -8.13 -7.88 -15.01
C PHE A 22 -8.16 -8.38 -16.46
N GLU A 23 -8.02 -9.68 -16.66
CA GLU A 23 -7.98 -10.25 -18.02
C GLU A 23 -9.27 -9.98 -18.81
N ALA A 24 -10.41 -10.23 -18.19
CA ALA A 24 -11.67 -9.98 -18.89
C ALA A 24 -11.87 -8.51 -19.19
N GLY A 25 -11.47 -7.64 -18.26
CA GLY A 25 -11.57 -6.23 -18.45
C GLY A 25 -10.68 -5.75 -19.60
N LEU A 26 -9.45 -6.29 -19.64
CA LEU A 26 -8.53 -5.94 -20.67
C LEU A 26 -9.08 -6.29 -22.06
N LEU A 27 -9.54 -7.53 -22.20
CA LEU A 27 -10.09 -7.94 -23.48
C LEU A 27 -11.38 -7.14 -23.84
N ARG A 28 -12.28 -6.89 -22.88
CA ARG A 28 -13.48 -6.10 -23.15
C ARG A 28 -13.10 -4.73 -23.69
N GLY A 29 -12.18 -4.07 -23.01
CA GLY A 29 -11.79 -2.71 -23.42
C GLY A 29 -11.09 -2.70 -24.78
N PHE A 30 -10.25 -3.73 -25.01
CA PHE A 30 -9.52 -3.86 -26.24
C PHE A 30 -10.50 -4.05 -27.43
N ARG A 31 -11.48 -4.97 -27.29
CA ARG A 31 -12.44 -5.21 -28.39
C ARG A 31 -13.27 -3.97 -28.64
N ARG A 32 -13.60 -3.21 -27.58
CA ARG A 32 -14.43 -2.02 -27.70
C ARG A 32 -13.69 -0.92 -28.45
N ARG A 33 -12.42 -0.73 -28.14
CA ARG A 33 -11.68 0.40 -28.67
C ARG A 33 -10.99 0.01 -29.99
N PHE A 34 -10.68 -1.27 -30.18
CA PHE A 34 -9.91 -1.74 -31.33
C PHE A 34 -10.57 -2.94 -32.00
N PRO A 35 -11.79 -2.74 -32.52
CA PRO A 35 -12.55 -3.87 -32.99
C PRO A 35 -11.99 -4.59 -34.19
N GLU A 36 -11.20 -3.89 -35.03
CA GLU A 36 -10.63 -4.46 -36.24
C GLU A 36 -9.36 -5.22 -36.00
N GLU A 37 -8.78 -5.05 -34.83
CA GLU A 37 -7.49 -5.62 -34.59
C GLU A 37 -7.56 -7.08 -34.14
N PRO A 38 -6.54 -7.83 -34.42
CA PRO A 38 -6.44 -9.18 -33.81
C PRO A 38 -6.40 -9.07 -32.25
N HIS A 39 -6.89 -10.11 -31.58
CA HIS A 39 -6.93 -10.18 -30.13
C HIS A 39 -6.53 -11.54 -29.66
N VAL A 40 -6.28 -11.65 -28.35
CA VAL A 40 -5.97 -12.89 -27.74
C VAL A 40 -7.22 -13.34 -26.99
N PRO A 41 -7.85 -14.43 -27.45
CA PRO A 41 -8.99 -14.96 -26.69
C PRO A 41 -8.57 -15.30 -25.26
N LEU A 42 -9.50 -15.16 -24.33
CA LEU A 42 -9.13 -15.42 -22.94
C LEU A 42 -8.44 -16.73 -22.70
N GLU A 43 -8.93 -17.81 -23.31
CA GLU A 43 -8.42 -19.11 -23.03
C GLU A 43 -7.10 -19.39 -23.75
N GLN A 44 -6.66 -18.50 -24.63
CA GLN A 44 -5.35 -18.60 -25.24
C GLN A 44 -4.32 -17.75 -24.57
N ARG A 45 -4.68 -17.06 -23.49
CA ARG A 45 -3.66 -16.34 -22.75
C ARG A 45 -2.64 -17.28 -22.16
N ARG A 46 -1.38 -16.86 -22.26
CA ARG A 46 -0.24 -17.62 -21.78
C ARG A 46 0.83 -16.61 -21.31
N GLY A 47 1.26 -16.73 -20.06
CA GLY A 47 2.26 -15.85 -19.52
C GLY A 47 1.61 -14.67 -18.82
N PHE A 48 2.21 -14.23 -17.73
CA PHE A 48 1.63 -13.20 -16.89
C PHE A 48 1.43 -11.91 -17.61
N LEU A 49 2.38 -11.54 -18.47
CA LEU A 49 2.39 -10.21 -19.03
C LEU A 49 1.55 -10.16 -20.34
N ALA A 50 0.30 -9.69 -20.19
CA ALA A 50 -0.62 -9.65 -21.32
C ALA A 50 -0.10 -8.85 -22.48
N ARG A 51 0.52 -7.69 -22.18
CA ARG A 51 1.04 -6.81 -23.20
C ARG A 51 2.05 -7.48 -24.09
N GLU A 52 2.83 -8.39 -23.53
CA GLU A 52 3.89 -9.07 -24.30
C GLU A 52 3.37 -10.13 -25.20
N GLN A 53 2.26 -10.78 -24.82
CA GLN A 53 1.57 -11.66 -25.76
C GLN A 53 0.94 -10.90 -26.91
N TYR A 54 0.40 -9.72 -26.63
CA TYR A 54 -0.16 -8.88 -27.66
C TYR A 54 0.96 -8.39 -28.61
N ARG A 55 2.12 -8.06 -28.05
CA ARG A 55 3.25 -7.60 -28.85
C ARG A 55 3.70 -8.70 -29.80
N ALA A 56 3.74 -9.91 -29.30
CA ALA A 56 4.07 -11.09 -30.11
C ALA A 56 3.06 -11.28 -31.25
N LEU A 57 1.78 -11.07 -30.97
CA LEU A 57 0.76 -11.19 -32.01
C LEU A 57 0.99 -10.21 -33.17
N ARG A 58 1.18 -8.96 -32.85
CA ARG A 58 1.57 -7.92 -33.82
C ARG A 58 2.17 -6.71 -33.03
N PRO A 59 3.35 -6.21 -33.41
CA PRO A 59 3.98 -5.20 -32.57
C PRO A 59 3.18 -3.94 -32.15
N ASP A 60 2.35 -3.39 -33.04
CA ASP A 60 1.56 -2.15 -32.75
C ASP A 60 0.52 -2.42 -31.65
N LEU A 61 0.20 -3.68 -31.41
CA LEU A 61 -0.87 -4.01 -30.45
C LEU A 61 -0.44 -3.82 -28.99
N ALA A 62 0.86 -3.76 -28.75
CA ALA A 62 1.41 -3.56 -27.40
C ALA A 62 0.98 -2.24 -26.82
N ASP A 63 1.16 -1.15 -27.56
CA ASP A 63 0.75 0.13 -27.08
C ASP A 63 -0.81 0.26 -27.04
N LYS A 64 -1.50 -0.43 -27.93
CA LYS A 64 -2.95 -0.36 -27.94
C LYS A 64 -3.47 -1.01 -26.64
N VAL A 65 -2.94 -2.17 -26.31
CA VAL A 65 -3.44 -2.81 -25.12
C VAL A 65 -3.05 -2.06 -23.84
N ALA A 66 -1.88 -1.44 -23.80
CA ALA A 66 -1.49 -0.58 -22.67
C ALA A 66 -2.45 0.59 -22.54
N SER A 67 -2.94 1.13 -23.66
CA SER A 67 -3.84 2.27 -23.57
C SER A 67 -5.18 1.84 -22.90
N VAL A 68 -5.50 0.56 -22.98
CA VAL A 68 -6.69 0.07 -22.29
C VAL A 68 -6.47 0.09 -20.76
N TYR A 69 -5.40 -0.52 -20.28
CA TYR A 69 -5.24 -0.67 -18.83
C TYR A 69 -4.77 0.63 -18.18
N GLU A 70 -4.29 1.59 -18.97
CA GLU A 70 -3.92 2.92 -18.50
C GLU A 70 -5.05 3.92 -18.42
N ALA A 71 -6.22 3.56 -18.96
CA ALA A 71 -7.30 4.53 -19.13
C ALA A 71 -8.02 4.77 -17.83
N PRO A 72 -8.52 5.97 -17.64
CA PRO A 72 -9.45 6.23 -16.52
C PRO A 72 -10.64 5.27 -16.52
N GLY A 73 -10.95 4.73 -15.36
CA GLY A 73 -12.04 3.82 -15.22
C GLY A 73 -11.74 2.36 -15.41
N PHE A 74 -10.57 2.06 -15.99
CA PHE A 74 -10.26 0.66 -16.24
C PHE A 74 -10.37 -0.17 -14.94
N PHE A 75 -9.63 0.20 -13.89
CA PHE A 75 -9.63 -0.56 -12.65
C PHE A 75 -10.94 -0.44 -11.95
N LEU A 76 -11.55 0.74 -11.98
CA LEU A 76 -12.87 0.95 -11.34
C LEU A 76 -13.97 0.04 -11.83
N ASP A 77 -13.93 -0.27 -13.13
CA ASP A 77 -15.03 -1.03 -13.75
C ASP A 77 -14.78 -2.53 -13.85
N LEU A 78 -13.66 -3.07 -13.39
CA LEU A 78 -13.42 -4.50 -13.47
C LEU A 78 -14.51 -5.27 -12.78
N GLU A 79 -14.87 -6.37 -13.38
CA GLU A 79 -15.88 -7.25 -12.80
C GLU A 79 -15.19 -8.18 -11.78
N PRO A 80 -15.91 -8.56 -10.72
CA PRO A 80 -15.33 -9.51 -9.80
C PRO A 80 -15.15 -10.90 -10.43
N ILE A 81 -14.11 -11.57 -10.01
CA ILE A 81 -13.84 -12.96 -10.34
C ILE A 81 -15.00 -13.79 -9.72
N PRO A 82 -15.52 -14.79 -10.46
CA PRO A 82 -16.62 -15.57 -9.87
C PRO A 82 -16.30 -16.19 -8.50
N GLY A 83 -17.24 -16.01 -7.58
CA GLY A 83 -17.13 -16.52 -6.24
C GLY A 83 -16.15 -15.84 -5.33
N ALA A 84 -15.42 -14.83 -5.84
CA ALA A 84 -14.36 -14.30 -5.05
C ALA A 84 -14.81 -13.48 -3.85
N LEU A 85 -15.76 -12.62 -4.09
CA LEU A 85 -16.26 -11.72 -3.03
C LEU A 85 -16.92 -12.54 -1.90
N ASP A 86 -17.71 -13.54 -2.26
CA ASP A 86 -18.35 -14.36 -1.20
C ASP A 86 -17.29 -15.08 -0.39
N ALA A 87 -16.27 -15.63 -1.07
CA ALA A 87 -15.19 -16.29 -0.43
C ALA A 87 -14.36 -15.44 0.55
N VAL A 88 -13.89 -14.27 0.10
CA VAL A 88 -13.10 -13.46 0.99
C VAL A 88 -13.95 -12.94 2.16
N ARG A 89 -15.24 -12.64 1.95
CA ARG A 89 -16.12 -12.19 3.06
CA ARG A 89 -16.09 -12.18 3.08
C ARG A 89 -16.27 -13.31 4.08
N GLU A 90 -16.54 -14.52 3.58
CA GLU A 90 -16.66 -15.70 4.44
C GLU A 90 -15.37 -15.88 5.15
N MET A 91 -14.24 -15.80 4.43
CA MET A 91 -12.94 -16.04 5.01
C MET A 91 -12.62 -15.07 6.17
N ASN A 92 -12.90 -13.80 5.94
CA ASN A 92 -12.67 -12.76 6.91
C ASN A 92 -13.59 -12.88 8.14
N ASP A 93 -14.76 -13.48 7.93
CA ASP A 93 -15.73 -13.68 9.01
C ASP A 93 -15.44 -14.92 9.81
N LEU A 94 -14.37 -15.66 9.51
CA LEU A 94 -14.08 -16.89 10.22
C LEU A 94 -13.39 -16.60 11.50
N PRO A 95 -13.68 -17.36 12.57
CA PRO A 95 -12.86 -17.30 13.77
C PRO A 95 -11.38 -17.47 13.48
N ASP A 96 -10.55 -16.71 14.18
CA ASP A 96 -9.09 -16.83 14.12
C ASP A 96 -8.45 -16.66 12.72
N THR A 97 -9.09 -15.82 11.91
CA THR A 97 -8.61 -15.60 10.57
C THR A 97 -8.58 -14.11 10.30
N GLN A 98 -7.48 -13.63 9.73
CA GLN A 98 -7.36 -12.21 9.29
C GLN A 98 -7.01 -12.10 7.77
N VAL A 99 -7.78 -11.36 7.00
CA VAL A 99 -7.58 -11.15 5.56
C VAL A 99 -7.02 -9.72 5.33
N PHE A 100 -6.06 -9.63 4.44
CA PHE A 100 -5.62 -8.36 3.88
C PHE A 100 -5.59 -8.52 2.36
N ILE A 101 -5.88 -7.43 1.65
CA ILE A 101 -5.83 -7.47 0.19
C ILE A 101 -4.48 -6.88 -0.18
N CYS A 102 -3.61 -7.72 -0.75
CA CYS A 102 -2.24 -7.34 -0.98
C CYS A 102 -2.03 -7.26 -2.51
N THR A 103 -1.86 -6.02 -3.00
CA THR A 103 -2.05 -5.69 -4.42
C THR A 103 -0.93 -4.72 -4.88
N SER A 104 -0.40 -4.98 -6.08
CA SER A 104 0.66 -4.14 -6.68
C SER A 104 0.03 -3.21 -7.69
N PRO A 105 0.24 -1.88 -7.52
CA PRO A 105 -0.24 -0.93 -8.52
C PRO A 105 0.66 -0.85 -9.72
N LEU A 106 0.12 -0.44 -10.85
CA LEU A 106 0.90 -0.09 -12.02
C LEU A 106 1.94 0.96 -11.68
N LEU A 107 3.06 0.90 -12.40
CA LEU A 107 4.03 1.99 -12.45
C LEU A 107 3.36 3.29 -12.87
N LYS A 108 2.47 3.24 -13.92
CA LYS A 108 1.63 4.39 -14.25
C LYS A 108 0.46 4.39 -13.25
N TYR A 109 0.70 4.93 -12.09
CA TYR A 109 -0.23 4.80 -10.95
C TYR A 109 -1.46 5.68 -11.03
N HIS A 110 -1.45 6.74 -11.83
CA HIS A 110 -2.44 7.84 -11.76
C HIS A 110 -3.92 7.41 -11.70
N HIS A 111 -4.33 6.47 -12.54
CA HIS A 111 -5.73 6.02 -12.54
C HIS A 111 -5.86 4.61 -11.99
N CYS A 112 -4.88 4.16 -11.25
CA CYS A 112 -4.88 2.82 -10.67
C CYS A 112 -5.12 2.91 -9.18
N VAL A 113 -4.26 3.66 -8.48
CA VAL A 113 -4.27 3.62 -7.02
C VAL A 113 -5.61 4.00 -6.40
N GLY A 114 -6.17 5.14 -6.77
CA GLY A 114 -7.43 5.57 -6.16
C GLY A 114 -8.59 4.66 -6.62
N GLU A 115 -8.54 4.24 -7.87
CA GLU A 115 -9.63 3.38 -8.37
C GLU A 115 -9.63 2.02 -7.64
N LYS A 116 -8.47 1.51 -7.27
CA LYS A 116 -8.46 0.22 -6.52
C LYS A 116 -9.13 0.36 -5.15
N TYR A 117 -8.86 1.46 -4.46
CA TYR A 117 -9.53 1.74 -3.14
C TYR A 117 -11.01 1.84 -3.33
N ARG A 118 -11.42 2.51 -4.38
CA ARG A 118 -12.85 2.69 -4.66
C ARG A 118 -13.53 1.38 -5.06
N TRP A 119 -12.81 0.53 -5.81
CA TRP A 119 -13.35 -0.77 -6.17
C TRP A 119 -13.59 -1.59 -4.91
N VAL A 120 -12.61 -1.66 -3.99
CA VAL A 120 -12.79 -2.40 -2.74
C VAL A 120 -13.93 -1.78 -1.92
N GLU A 121 -14.01 -0.46 -1.84
CA GLU A 121 -15.07 0.15 -1.04
C GLU A 121 -16.43 -0.26 -1.62
N GLN A 122 -16.62 -0.21 -2.93
CA GLN A 122 -17.90 -0.55 -3.56
C GLN A 122 -18.22 -2.00 -3.47
N HIS A 123 -17.26 -2.89 -3.76
CA HIS A 123 -17.53 -4.31 -3.80
C HIS A 123 -17.56 -5.04 -2.49
N LEU A 124 -16.71 -4.59 -1.56
CA LEU A 124 -16.53 -5.24 -0.28
C LEU A 124 -16.77 -4.37 0.94
N GLY A 125 -16.80 -3.05 0.77
CA GLY A 125 -17.13 -2.13 1.85
C GLY A 125 -15.93 -1.54 2.59
N PRO A 126 -16.21 -0.55 3.44
CA PRO A 126 -15.14 0.18 4.12
C PRO A 126 -14.27 -0.67 5.01
N GLN A 127 -14.82 -1.73 5.63
CA GLN A 127 -14.01 -2.57 6.46
C GLN A 127 -12.88 -3.28 5.70
N PHE A 128 -13.09 -3.51 4.42
CA PHE A 128 -12.09 -4.10 3.59
C PHE A 128 -11.13 -3.06 3.07
N VAL A 129 -11.56 -1.83 2.95
CA VAL A 129 -10.62 -0.76 2.47
C VAL A 129 -9.52 -0.63 3.49
N GLU A 130 -9.85 -0.76 4.77
CA GLU A 130 -8.82 -0.73 5.84
C GLU A 130 -7.80 -1.84 5.81
N ARG A 131 -8.08 -2.90 5.03
CA ARG A 131 -7.23 -4.07 4.92
C ARG A 131 -6.44 -4.10 3.61
N ILE A 132 -6.43 -3.01 2.86
CA ILE A 132 -5.59 -2.96 1.63
C ILE A 132 -4.14 -2.70 2.01
N ILE A 133 -3.25 -3.47 1.37
CA ILE A 133 -1.82 -3.18 1.36
C ILE A 133 -1.42 -3.03 -0.10
N LEU A 134 -1.00 -1.80 -0.45
CA LEU A 134 -0.48 -1.55 -1.77
C LEU A 134 1.02 -1.62 -1.71
N THR A 135 1.62 -2.46 -2.55
CA THR A 135 3.06 -2.64 -2.56
C THR A 135 3.51 -3.28 -3.87
N ARG A 136 4.68 -2.90 -4.39
CA ARG A 136 5.25 -3.59 -5.54
C ARG A 136 6.09 -4.77 -5.11
N ASP A 137 6.25 -4.97 -3.80
CA ASP A 137 6.99 -6.10 -3.25
C ASP A 137 6.18 -6.77 -2.15
N LYS A 138 5.61 -7.91 -2.46
CA LYS A 138 4.80 -8.64 -1.52
C LYS A 138 5.62 -9.50 -0.57
N THR A 139 6.88 -9.70 -0.91
CA THR A 139 7.78 -10.57 -0.07
C THR A 139 8.09 -9.92 1.29
N VAL A 140 7.95 -8.60 1.36
CA VAL A 140 8.08 -7.90 2.68
C VAL A 140 6.82 -7.79 3.52
N VAL A 141 5.73 -8.46 3.14
CA VAL A 141 4.49 -8.41 3.87
C VAL A 141 4.33 -9.76 4.59
N LEU A 142 4.03 -9.70 5.90
CA LEU A 142 3.91 -10.91 6.75
C LEU A 142 2.56 -11.53 6.65
N GLY A 143 2.55 -12.82 6.33
CA GLY A 143 1.34 -13.57 6.27
C GLY A 143 1.64 -15.05 6.24
N ASP A 144 0.60 -15.84 6.49
CA ASP A 144 0.72 -17.31 6.44
C ASP A 144 0.54 -17.82 5.00
N LEU A 145 -0.33 -17.13 4.28
CA LEU A 145 -0.63 -17.53 2.92
C LEU A 145 -0.75 -16.33 2.02
N LEU A 146 -0.30 -16.48 0.78
CA LEU A 146 -0.61 -15.48 -0.27
C LEU A 146 -1.30 -16.17 -1.44
N ILE A 147 -2.54 -15.81 -1.73
CA ILE A 147 -3.30 -16.35 -2.85
C ILE A 147 -3.10 -15.34 -4.00
N ASP A 148 -2.39 -15.75 -5.05
CA ASP A 148 -1.96 -14.85 -6.12
C ASP A 148 -1.79 -15.61 -7.43
N ASP A 149 -2.26 -15.07 -8.55
CA ASP A 149 -2.16 -15.73 -9.88
C ASP A 149 -0.85 -15.64 -10.58
N LYS A 150 0.06 -14.80 -10.07
CA LYS A 150 1.37 -14.70 -10.67
C LYS A 150 2.21 -15.97 -10.37
N ASP A 151 2.86 -16.46 -11.42
CA ASP A 151 3.55 -17.73 -11.31
C ASP A 151 4.67 -17.70 -10.30
N THR A 152 5.40 -16.59 -10.24
CA THR A 152 6.45 -16.40 -9.22
C THR A 152 6.29 -15.01 -8.63
N VAL A 153 6.28 -14.93 -7.32
CA VAL A 153 6.14 -13.64 -6.63
C VAL A 153 7.47 -13.33 -5.97
N ARG A 154 8.19 -12.35 -6.55
CA ARG A 154 9.57 -12.05 -6.18
C ARG A 154 9.70 -10.68 -5.52
N GLY A 155 10.84 -10.48 -4.89
CA GLY A 155 11.04 -9.29 -4.08
C GLY A 155 12.32 -9.40 -3.28
N GLN A 156 12.47 -8.54 -2.31
CA GLN A 156 13.73 -8.41 -1.63
C GLN A 156 13.91 -9.42 -0.52
N GLU A 157 12.84 -10.06 -0.09
CA GLU A 157 12.92 -11.09 0.91
C GLU A 157 13.01 -12.45 0.19
N GLU A 158 14.19 -13.06 0.27
CA GLU A 158 14.50 -14.33 -0.44
C GLU A 158 13.60 -15.48 0.01
N THR A 159 13.18 -15.47 1.27
CA THR A 159 12.30 -16.48 1.80
C THR A 159 11.10 -15.82 2.50
N PRO A 160 10.03 -15.54 1.75
CA PRO A 160 8.86 -14.94 2.39
C PRO A 160 8.28 -15.80 3.53
N SER A 161 7.55 -15.17 4.45
CA SER A 161 6.80 -15.85 5.50
C SER A 161 5.56 -16.62 5.02
N TRP A 162 5.07 -16.28 3.84
CA TRP A 162 3.84 -16.89 3.39
C TRP A 162 4.13 -18.08 2.49
N GLU A 163 3.13 -18.96 2.42
CA GLU A 163 3.06 -19.96 1.39
C GLU A 163 2.30 -19.34 0.24
N HIS A 164 2.87 -19.40 -0.96
CA HIS A 164 2.18 -18.94 -2.18
C HIS A 164 1.24 -20.03 -2.71
N ILE A 165 -0.05 -19.75 -2.68
CA ILE A 165 -1.05 -20.56 -3.25
C ILE A 165 -1.32 -19.95 -4.65
N LEU A 166 -0.99 -20.70 -5.71
CA LEU A 166 -1.24 -20.23 -7.08
C LEU A 166 -2.70 -20.31 -7.47
N PHE A 167 -3.27 -19.15 -7.68
CA PHE A 167 -4.60 -19.04 -8.09
C PHE A 167 -4.67 -19.23 -9.60
N THR A 168 -5.46 -20.24 -10.03
CA THR A 168 -5.48 -20.64 -11.44
C THR A 168 -6.15 -19.63 -12.32
N CME A 169 -5.41 -19.22 -13.35
CA CME A 169 -5.96 -18.39 -14.44
CA CME A 169 -5.94 -18.38 -14.44
CB CME A 169 -5.52 -16.93 -14.35
CB CME A 169 -5.50 -16.91 -14.34
SG CME A 169 -6.20 -16.03 -12.94
SG CME A 169 -6.07 -16.10 -12.86
SD CME A 169 -8.18 -16.42 -13.08
SD CME A 169 -7.15 -14.59 -13.53
CE CME A 169 -8.76 -15.01 -13.99
CE CME A 169 -8.57 -15.34 -14.24
CZ CME A 169 -8.94 -15.34 -15.47
CZ CME A 169 -8.15 -15.28 -15.72
OH CME A 169 -8.18 -16.44 -16.12
OH CME A 169 -8.28 -16.59 -16.36
C CME A 169 -5.47 -18.94 -15.75
O CME A 169 -4.55 -19.78 -15.81
N CME A 170 -6.11 -18.58 -16.84
CA CME A 170 -5.70 -19.09 -18.17
CB CME A 170 -6.51 -18.53 -19.32
SG CME A 170 -8.29 -18.78 -19.18
SD CME A 170 -8.51 -20.77 -19.09
CE CME A 170 -8.73 -21.13 -17.33
C CME A 170 -4.23 -18.89 -18.43
O CME A 170 -3.53 -19.80 -18.92
N HIS A 171 -3.72 -17.71 -18.05
CA HIS A 171 -2.29 -17.44 -18.32
C HIS A 171 -1.28 -18.34 -17.62
N ASN A 172 -1.66 -18.98 -16.50
CA ASN A 172 -0.74 -19.88 -15.73
C ASN A 172 -1.15 -21.35 -15.71
N ARG A 173 -2.25 -21.69 -16.40
CA ARG A 173 -2.77 -23.06 -16.30
C ARG A 173 -1.85 -24.08 -16.96
N HIS A 174 -1.03 -23.64 -17.89
CA HIS A 174 -0.07 -24.55 -18.56
C HIS A 174 1.01 -25.08 -17.60
N LEU A 175 1.27 -24.39 -16.50
CA LEU A 175 2.32 -24.76 -15.56
C LEU A 175 1.90 -25.98 -14.72
N VAL A 176 2.80 -26.91 -14.52
CA VAL A 176 2.53 -28.05 -13.68
C VAL A 176 3.37 -27.90 -12.42
N LEU A 177 2.74 -27.74 -11.29
CA LEU A 177 3.50 -27.49 -10.07
C LEU A 177 4.04 -28.77 -9.46
N PRO A 178 5.21 -28.72 -8.84
CA PRO A 178 5.66 -29.95 -8.15
C PRO A 178 4.72 -30.30 -6.98
N PRO A 179 4.75 -31.58 -6.50
CA PRO A 179 3.87 -32.09 -5.42
C PRO A 179 3.78 -31.28 -4.11
N THR A 180 4.83 -30.52 -3.80
CA THR A 180 4.91 -29.67 -2.59
C THR A 180 4.27 -28.27 -2.67
N ARG A 181 3.92 -27.84 -3.87
CA ARG A 181 3.22 -26.58 -4.08
C ARG A 181 1.74 -26.83 -4.35
N ARG A 182 0.93 -25.84 -4.00
CA ARG A 182 -0.52 -25.95 -4.13
C ARG A 182 -1.11 -24.90 -5.08
N ARG A 183 -2.12 -25.33 -5.81
CA ARG A 183 -2.94 -24.46 -6.64
C ARG A 183 -4.32 -24.45 -6.08
N LEU A 184 -5.00 -23.33 -6.22
CA LEU A 184 -6.41 -23.25 -6.07
C LEU A 184 -6.96 -23.17 -7.48
N LEU A 185 -7.84 -24.08 -7.87
CA LEU A 185 -8.37 -24.06 -9.24
C LEU A 185 -9.37 -22.93 -9.52
N SER A 186 -10.07 -22.51 -8.47
CA SER A 186 -11.05 -21.48 -8.53
C SER A 186 -11.49 -21.30 -7.06
N TRP A 187 -12.33 -20.30 -6.82
CA TRP A 187 -12.86 -20.09 -5.45
C TRP A 187 -13.86 -21.19 -5.04
N SER A 188 -14.31 -22.04 -5.95
CA SER A 188 -15.18 -23.18 -5.56
C SER A 188 -14.35 -24.38 -5.12
N ASP A 189 -13.07 -24.31 -5.44
CA ASP A 189 -12.10 -25.24 -4.92
C ASP A 189 -12.10 -25.07 -3.40
N ASN A 190 -11.37 -25.93 -2.74
CA ASN A 190 -11.46 -26.14 -1.29
C ASN A 190 -10.42 -25.26 -0.62
N TRP A 191 -10.70 -23.98 -0.64
CA TRP A 191 -9.85 -23.04 0.03
C TRP A 191 -9.88 -23.20 1.57
N ARG A 192 -11.02 -23.61 2.12
CA ARG A 192 -11.15 -23.78 3.61
C ARG A 192 -10.14 -24.77 4.07
N GLU A 193 -9.96 -25.83 3.28
CA GLU A 193 -8.98 -26.86 3.64
C GLU A 193 -7.58 -26.31 3.66
N ILE A 194 -7.26 -25.42 2.72
CA ILE A 194 -5.91 -24.82 2.70
C ILE A 194 -5.68 -23.89 3.93
N LEU A 195 -6.68 -23.08 4.27
CA LEU A 195 -6.63 -22.29 5.51
C LEU A 195 -6.47 -23.20 6.73
N ASP A 196 -7.39 -24.16 6.88
CA ASP A 196 -7.42 -25.04 8.10
C ASP A 196 -6.05 -25.71 8.23
N SER A 197 -5.43 -26.03 7.11
CA SER A 197 -4.10 -26.67 7.09
C SER A 197 -3.03 -25.82 7.68
N LYS A 198 -3.31 -24.52 7.88
CA LYS A 198 -2.35 -23.62 8.49
C LYS A 198 -2.55 -23.39 9.98
N ARG A 199 -3.68 -23.81 10.52
CA ARG A 199 -4.01 -23.51 11.91
C ARG A 199 -3.24 -24.43 12.85
N SER B 8 20.56 -5.63 3.30
CA SER B 8 20.84 -6.34 4.58
C SER B 8 20.19 -5.64 5.79
N VAL B 9 20.15 -4.31 5.80
CA VAL B 9 19.32 -3.60 6.79
C VAL B 9 18.17 -2.97 6.02
N ARG B 10 16.93 -3.26 6.42
CA ARG B 10 15.78 -2.70 5.72
C ARG B 10 15.15 -1.65 6.62
N VAL B 11 15.06 -0.43 6.08
CA VAL B 11 14.49 0.68 6.83
C VAL B 11 13.14 1.12 6.24
N LEU B 12 12.12 1.09 7.08
CA LEU B 12 10.80 1.57 6.72
C LEU B 12 10.74 2.99 7.21
N VAL B 13 10.46 3.89 6.28
CA VAL B 13 10.40 5.33 6.58
C VAL B 13 8.96 5.84 6.39
N ASP B 14 8.43 6.40 7.45
CA ASP B 14 7.11 6.99 7.45
C ASP B 14 7.09 8.22 6.49
N MET B 15 5.93 8.52 5.92
CA MET B 15 5.77 9.67 5.06
C MET B 15 5.30 10.92 5.85
N ASP B 16 4.06 10.93 6.33
CA ASP B 16 3.58 12.07 7.13
C ASP B 16 4.34 12.18 8.42
N GLY B 17 4.86 13.38 8.68
CA GLY B 17 5.63 13.65 9.91
C GLY B 17 7.08 13.32 9.90
N VAL B 18 7.56 12.73 8.78
CA VAL B 18 8.94 12.27 8.66
C VAL B 18 9.53 12.77 7.35
N LEU B 19 8.83 12.54 6.25
CA LEU B 19 9.15 13.14 4.99
C LEU B 19 8.35 14.36 4.60
N ALA B 20 7.03 14.32 4.82
CA ALA B 20 6.15 15.35 4.41
C ALA B 20 5.61 16.02 5.67
N ASP B 21 5.59 17.37 5.70
CA ASP B 21 5.23 18.10 6.90
C ASP B 21 3.70 18.31 7.03
N PHE B 22 3.07 17.24 7.46
CA PHE B 22 1.62 17.21 7.68
C PHE B 22 1.20 18.34 8.66
N GLU B 23 1.88 18.48 9.79
CA GLU B 23 1.49 19.48 10.82
C GLU B 23 1.55 20.89 10.31
N ALA B 24 2.62 21.22 9.62
CA ALA B 24 2.77 22.54 9.08
C ALA B 24 1.73 22.80 8.02
N GLY B 25 1.49 21.81 7.17
CA GLY B 25 0.51 21.99 6.13
C GLY B 25 -0.91 22.16 6.72
N LEU B 26 -1.21 21.42 7.79
CA LEU B 26 -2.50 21.50 8.41
C LEU B 26 -2.74 22.92 8.97
N LEU B 27 -1.74 23.40 9.71
CA LEU B 27 -1.81 24.75 10.30
C LEU B 27 -1.91 25.78 9.23
N ARG B 28 -1.06 25.67 8.20
CA ARG B 28 -1.12 26.62 7.06
C ARG B 28 -2.49 26.66 6.43
N GLY B 29 -3.10 25.50 6.15
CA GLY B 29 -4.40 25.49 5.50
C GLY B 29 -5.51 25.98 6.40
N PHE B 30 -5.39 25.68 7.69
CA PHE B 30 -6.41 26.08 8.64
C PHE B 30 -6.43 27.60 8.78
N ARG B 31 -5.25 28.20 8.92
CA ARG B 31 -5.14 29.66 9.06
C ARG B 31 -5.63 30.39 7.81
N ARG B 32 -5.41 29.77 6.64
CA ARG B 32 -5.83 30.33 5.37
C ARG B 32 -7.34 30.25 5.17
N ARG B 33 -7.95 29.12 5.53
CA ARG B 33 -9.36 28.95 5.27
C ARG B 33 -10.22 29.54 6.41
N PHE B 34 -9.65 29.66 7.60
CA PHE B 34 -10.36 30.07 8.87
C PHE B 34 -9.54 31.11 9.59
N PRO B 35 -9.34 32.27 8.89
CA PRO B 35 -8.43 33.23 9.41
C PRO B 35 -8.84 33.90 10.74
N GLU B 36 -10.11 33.92 11.09
CA GLU B 36 -10.50 34.50 12.35
C GLU B 36 -10.39 33.55 13.53
N GLU B 37 -10.23 32.25 13.28
CA GLU B 37 -10.38 31.29 14.35
C GLU B 37 -9.10 31.14 15.18
N PRO B 38 -9.24 30.80 16.46
CA PRO B 38 -8.07 30.37 17.21
C PRO B 38 -7.45 29.16 16.55
N HIS B 39 -6.16 29.00 16.75
CA HIS B 39 -5.41 27.88 16.22
C HIS B 39 -4.50 27.34 17.26
N VAL B 40 -3.91 26.20 16.97
CA VAL B 40 -2.95 25.59 17.86
C VAL B 40 -1.53 25.82 17.26
N PRO B 41 -0.72 26.70 17.89
CA PRO B 41 0.62 26.91 17.35
C PRO B 41 1.43 25.59 17.36
N LEU B 42 2.38 25.41 16.44
CA LEU B 42 3.04 24.13 16.37
C LEU B 42 3.75 23.79 17.64
N GLU B 43 4.35 24.82 18.25
CA GLU B 43 5.11 24.58 19.45
C GLU B 43 4.19 24.16 20.65
N GLN B 44 2.89 24.44 20.55
CA GLN B 44 1.93 24.05 21.58
C GLN B 44 1.25 22.73 21.24
N ARG B 45 1.56 22.15 20.10
CA ARG B 45 0.94 20.87 19.73
C ARG B 45 1.38 19.75 20.64
N ARG B 46 0.41 18.97 21.13
CA ARG B 46 0.67 17.85 22.03
C ARG B 46 -0.25 16.73 21.64
N GLY B 47 0.30 15.53 21.46
CA GLY B 47 -0.55 14.42 21.15
C GLY B 47 -0.65 14.25 19.66
N PHE B 48 -0.62 12.99 19.23
CA PHE B 48 -0.55 12.68 17.77
C PHE B 48 -1.73 13.25 17.00
N LEU B 49 -2.94 13.13 17.56
CA LEU B 49 -4.15 13.46 16.81
C LEU B 49 -4.44 14.97 16.87
N ALA B 50 -4.02 15.69 15.85
CA ALA B 50 -4.30 17.13 15.84
C ALA B 50 -5.74 17.52 15.96
N ARG B 51 -6.64 16.75 15.31
CA ARG B 51 -8.04 17.11 15.30
C ARG B 51 -8.56 17.20 16.73
N GLU B 52 -8.05 16.31 17.59
CA GLU B 52 -8.60 16.25 18.95
C GLU B 52 -8.08 17.40 19.83
N GLN B 53 -6.88 17.95 19.57
CA GLN B 53 -6.46 19.11 20.30
C GLN B 53 -7.32 20.31 19.85
N TYR B 54 -7.69 20.38 18.56
CA TYR B 54 -8.57 21.44 18.09
C TYR B 54 -9.96 21.27 18.70
N ARG B 55 -10.40 20.02 18.84
CA ARG B 55 -11.71 19.77 19.44
C ARG B 55 -11.71 20.30 20.87
N ALA B 56 -10.62 20.06 21.59
CA ALA B 56 -10.47 20.52 22.96
C ALA B 56 -10.54 22.04 23.06
N LEU B 57 -9.95 22.72 22.10
CA LEU B 57 -9.97 24.19 22.04
C LEU B 57 -11.40 24.71 21.93
N ARG B 58 -12.14 24.15 20.97
CA ARG B 58 -13.56 24.42 20.77
C ARG B 58 -14.18 23.33 19.85
N PRO B 59 -15.29 22.74 20.28
CA PRO B 59 -15.87 21.61 19.54
C PRO B 59 -16.04 21.74 18.00
N ASP B 60 -16.56 22.84 17.48
CA ASP B 60 -16.81 22.89 16.05
C ASP B 60 -15.47 23.04 15.26
N LEU B 61 -14.36 23.32 15.93
CA LEU B 61 -13.03 23.39 15.25
C LEU B 61 -12.58 22.04 14.77
N ALA B 62 -13.06 20.96 15.38
CA ALA B 62 -12.73 19.63 14.89
C ALA B 62 -13.08 19.42 13.47
N ASP B 63 -14.30 19.76 13.07
CA ASP B 63 -14.73 19.54 11.71
C ASP B 63 -14.05 20.50 10.73
N LYS B 64 -13.77 21.71 11.22
CA LYS B 64 -13.07 22.71 10.39
C LYS B 64 -11.69 22.16 10.09
N VAL B 65 -10.97 21.67 11.10
CA VAL B 65 -9.62 21.17 10.80
C VAL B 65 -9.67 19.90 9.91
N ALA B 66 -10.65 19.01 10.09
CA ALA B 66 -10.83 17.85 9.14
C ALA B 66 -11.02 18.29 7.71
N SER B 67 -11.75 19.39 7.49
CA SER B 67 -12.02 19.87 6.14
C SER B 67 -10.71 20.30 5.45
N VAL B 68 -9.69 20.65 6.24
CA VAL B 68 -8.41 21.02 5.65
C VAL B 68 -7.70 19.77 5.13
N TYR B 69 -7.57 18.74 5.97
CA TYR B 69 -6.80 17.55 5.55
C TYR B 69 -7.57 16.62 4.60
N GLU B 70 -8.89 16.84 4.45
CA GLU B 70 -9.71 16.13 3.48
C GLU B 70 -9.83 16.77 2.11
N ALA B 71 -9.31 17.99 1.98
CA ALA B 71 -9.46 18.73 0.76
C ALA B 71 -8.51 18.28 -0.35
N PRO B 72 -8.98 18.36 -1.59
CA PRO B 72 -8.06 18.11 -2.74
C PRO B 72 -6.85 19.03 -2.65
N GLY B 73 -5.66 18.51 -2.96
CA GLY B 73 -4.43 19.25 -2.88
C GLY B 73 -3.70 19.17 -1.56
N PHE B 74 -4.38 18.82 -0.46
CA PHE B 74 -3.74 18.88 0.83
C PHE B 74 -2.46 18.09 0.85
N PHE B 75 -2.54 16.79 0.53
CA PHE B 75 -1.34 15.95 0.53
C PHE B 75 -0.36 16.34 -0.57
N LEU B 76 -0.87 16.65 -1.74
CA LEU B 76 0.00 16.99 -2.87
C LEU B 76 0.89 18.18 -2.54
N ASP B 77 0.36 19.16 -1.79
CA ASP B 77 1.09 20.42 -1.56
C ASP B 77 1.91 20.47 -0.28
N LEU B 78 1.97 19.39 0.50
CA LEU B 78 2.80 19.38 1.70
C LEU B 78 4.26 19.69 1.37
N GLU B 79 4.86 20.48 2.23
CA GLU B 79 6.32 20.74 2.10
C GLU B 79 7.08 19.57 2.68
N PRO B 80 8.26 19.27 2.13
CA PRO B 80 9.17 18.33 2.76
C PRO B 80 9.66 18.80 4.10
N ILE B 81 9.93 17.85 4.97
CA ILE B 81 10.55 18.08 6.30
C ILE B 81 12.00 18.43 5.99
N PRO B 82 12.54 19.44 6.67
CA PRO B 82 13.95 19.76 6.38
C PRO B 82 14.89 18.58 6.53
N GLY B 83 15.75 18.47 5.55
CA GLY B 83 16.70 17.42 5.46
C GLY B 83 16.26 16.01 5.11
N ALA B 84 14.94 15.81 5.04
CA ALA B 84 14.37 14.48 4.86
C ALA B 84 14.71 13.88 3.52
N LEU B 85 14.51 14.66 2.47
CA LEU B 85 14.74 14.12 1.13
C LEU B 85 16.20 13.74 0.91
N ASP B 86 17.09 14.58 1.39
CA ASP B 86 18.53 14.27 1.20
C ASP B 86 18.93 13.04 2.02
N ALA B 87 18.37 12.93 3.23
CA ALA B 87 18.66 11.74 4.05
C ALA B 87 18.17 10.43 3.44
N VAL B 88 16.94 10.46 2.90
CA VAL B 88 16.41 9.27 2.27
C VAL B 88 17.18 8.91 1.01
N ARG B 89 17.56 9.91 0.22
CA ARG B 89 18.35 9.67 -0.99
C ARG B 89 19.69 9.06 -0.61
N GLU B 90 20.33 9.65 0.40
CA GLU B 90 21.63 9.13 0.86
C GLU B 90 21.48 7.73 1.40
N MET B 91 20.44 7.52 2.20
CA MET B 91 20.21 6.24 2.82
C MET B 91 20.01 5.12 1.79
N ASN B 92 19.24 5.43 0.74
CA ASN B 92 18.94 4.46 -0.28
C ASN B 92 20.19 4.06 -1.10
N ASP B 93 21.15 4.97 -1.23
CA ASP B 93 22.43 4.67 -1.89
C ASP B 93 23.45 3.92 -1.00
N LEU B 94 23.24 3.85 0.31
CA LEU B 94 24.16 3.08 1.14
C LEU B 94 24.23 1.58 0.76
N PRO B 95 25.45 1.00 0.74
CA PRO B 95 25.52 -0.43 0.53
C PRO B 95 24.71 -1.20 1.54
N ASP B 96 24.15 -2.33 1.11
CA ASP B 96 23.45 -3.25 2.02
C ASP B 96 22.38 -2.52 2.82
N THR B 97 21.71 -1.61 2.12
CA THR B 97 20.62 -0.84 2.71
C THR B 97 19.38 -0.79 1.79
N GLN B 98 18.22 -1.20 2.29
CA GLN B 98 16.96 -1.17 1.51
C GLN B 98 15.97 -0.20 2.21
N VAL B 99 15.43 0.73 1.47
CA VAL B 99 14.46 1.70 1.96
C VAL B 99 13.10 1.53 1.31
N PHE B 100 12.05 1.51 2.15
CA PHE B 100 10.64 1.59 1.70
C PHE B 100 10.00 2.75 2.42
N ILE B 101 9.07 3.43 1.74
CA ILE B 101 8.27 4.48 2.33
C ILE B 101 6.99 3.80 2.77
N CYS B 102 6.80 3.71 4.07
CA CYS B 102 5.70 2.94 4.63
C CYS B 102 4.74 3.92 5.28
N THR B 103 3.55 4.10 4.65
CA THR B 103 2.65 5.22 4.95
C THR B 103 1.20 4.75 5.05
N SER B 104 0.48 5.30 6.04
CA SER B 104 -0.93 4.95 6.21
C SER B 104 -1.80 6.02 5.64
N PRO B 105 -2.69 5.67 4.69
CA PRO B 105 -3.61 6.63 4.19
C PRO B 105 -4.79 6.90 5.11
N LEU B 106 -5.42 8.05 4.93
CA LEU B 106 -6.69 8.36 5.59
C LEU B 106 -7.76 7.34 5.23
N LEU B 107 -8.66 7.13 6.18
CA LEU B 107 -9.92 6.45 5.85
C LEU B 107 -10.68 7.14 4.68
N LYS B 108 -10.77 8.48 4.65
CA LYS B 108 -11.31 9.19 3.49
C LYS B 108 -10.12 9.24 2.52
N TYR B 109 -9.96 8.19 1.79
CA TYR B 109 -8.79 7.94 0.96
C TYR B 109 -8.81 8.72 -0.37
N HIS B 110 -9.97 9.29 -0.75
CA HIS B 110 -10.20 9.79 -2.11
C HIS B 110 -9.11 10.76 -2.65
N HIS B 111 -8.75 11.78 -1.86
CA HIS B 111 -7.67 12.78 -2.25
C HIS B 111 -6.33 12.59 -1.49
N CYS B 112 -6.16 11.42 -0.92
CA CYS B 112 -4.98 11.06 -0.17
C CYS B 112 -4.11 10.12 -1.01
N VAL B 113 -4.66 8.99 -1.46
CA VAL B 113 -3.84 7.92 -1.96
C VAL B 113 -3.08 8.30 -3.23
N GLY B 114 -3.77 8.77 -4.23
CA GLY B 114 -3.10 9.22 -5.45
C GLY B 114 -2.15 10.38 -5.23
N GLU B 115 -2.55 11.33 -4.39
CA GLU B 115 -1.68 12.47 -4.10
C GLU B 115 -0.39 12.06 -3.46
N LYS B 116 -0.39 11.04 -2.62
CA LYS B 116 0.84 10.59 -1.97
C LYS B 116 1.82 10.02 -3.02
N TYR B 117 1.32 9.21 -3.95
CA TYR B 117 2.16 8.68 -5.04
C TYR B 117 2.75 9.84 -5.84
N ARG B 118 1.90 10.83 -6.15
CA ARG B 118 2.37 12.00 -6.95
C ARG B 118 3.42 12.82 -6.15
N TRP B 119 3.22 12.98 -4.85
CA TRP B 119 4.23 13.67 -4.04
C TRP B 119 5.58 12.99 -4.05
N VAL B 120 5.58 11.70 -3.91
CA VAL B 120 6.80 10.96 -3.99
C VAL B 120 7.43 11.10 -5.38
N GLU B 121 6.62 10.97 -6.44
CA GLU B 121 7.15 11.04 -7.79
C GLU B 121 7.85 12.39 -8.00
N GLN B 122 7.19 13.46 -7.58
CA GLN B 122 7.74 14.79 -7.75
C GLN B 122 8.98 15.02 -6.90
N HIS B 123 8.88 14.74 -5.61
CA HIS B 123 9.97 15.09 -4.71
C HIS B 123 11.19 14.18 -4.73
N LEU B 124 10.95 12.87 -4.94
CA LEU B 124 11.98 11.85 -4.90
C LEU B 124 12.20 11.10 -6.24
N GLY B 125 11.20 11.11 -7.11
CA GLY B 125 11.33 10.55 -8.49
C GLY B 125 10.68 9.15 -8.57
N PRO B 126 10.56 8.65 -9.80
CA PRO B 126 9.84 7.40 -10.02
C PRO B 126 10.42 6.21 -9.35
N GLN B 127 11.74 6.20 -9.20
CA GLN B 127 12.40 5.08 -8.54
C GLN B 127 11.90 4.87 -7.08
N PHE B 128 11.54 5.95 -6.39
CA PHE B 128 11.03 5.88 -5.03
C PHE B 128 9.54 5.55 -5.00
N VAL B 129 8.81 5.88 -6.06
CA VAL B 129 7.40 5.49 -6.13
C VAL B 129 7.28 3.97 -6.02
N GLU B 130 8.22 3.25 -6.63
CA GLU B 130 8.23 1.78 -6.56
C GLU B 130 8.51 1.25 -5.13
N ARG B 131 8.95 2.12 -4.22
CA ARG B 131 9.21 1.75 -2.88
C ARG B 131 8.14 2.15 -1.89
N ILE B 132 6.99 2.61 -2.37
CA ILE B 132 5.89 2.93 -1.50
C ILE B 132 5.10 1.65 -1.05
N ILE B 133 4.86 1.58 0.23
CA ILE B 133 3.94 0.59 0.81
C ILE B 133 2.87 1.36 1.56
N LEU B 134 1.64 1.28 1.05
CA LEU B 134 0.49 1.91 1.67
C LEU B 134 -0.22 0.85 2.49
N THR B 135 -0.41 1.12 3.78
CA THR B 135 -0.99 0.18 4.72
C THR B 135 -1.48 0.89 5.95
N ARG B 136 -2.63 0.47 6.48
CA ARG B 136 -3.08 0.95 7.80
C ARG B 136 -2.43 0.18 8.95
N ASP B 137 -1.69 -0.87 8.63
CA ASP B 137 -1.02 -1.67 9.64
C ASP B 137 0.39 -1.87 9.27
N LYS B 138 1.27 -1.13 9.97
CA LYS B 138 2.70 -1.26 9.72
C LYS B 138 3.36 -2.48 10.38
N THR B 139 2.65 -3.14 11.33
CA THR B 139 3.23 -4.25 12.08
C THR B 139 3.29 -5.51 11.23
N VAL B 140 2.52 -5.54 10.13
CA VAL B 140 2.62 -6.66 9.17
C VAL B 140 3.64 -6.45 8.05
N VAL B 141 4.43 -5.35 8.11
CA VAL B 141 5.48 -5.11 7.15
C VAL B 141 6.83 -5.42 7.78
N LEU B 142 7.62 -6.21 7.06
CA LEU B 142 8.91 -6.70 7.55
C LEU B 142 10.04 -5.71 7.35
N GLY B 143 10.75 -5.36 8.43
CA GLY B 143 11.99 -4.65 8.24
C GLY B 143 12.74 -4.62 9.59
N ASP B 144 13.86 -3.94 9.58
CA ASP B 144 14.74 -3.83 10.79
C ASP B 144 14.43 -2.61 11.66
N LEU B 145 14.05 -1.53 10.97
CA LEU B 145 13.75 -0.24 11.60
C LEU B 145 12.52 0.37 11.01
N LEU B 146 11.73 1.01 11.87
CA LEU B 146 10.65 1.91 11.40
C LEU B 146 10.85 3.32 11.97
N ILE B 147 11.07 4.31 11.12
CA ILE B 147 11.27 5.68 11.54
C ILE B 147 9.96 6.38 11.38
N ASP B 148 9.33 6.69 12.47
CA ASP B 148 7.93 7.13 12.45
C ASP B 148 7.68 8.07 13.66
N ASP B 149 6.89 9.12 13.49
CA ASP B 149 6.62 10.09 14.55
C ASP B 149 5.47 9.72 15.46
N LYS B 150 4.71 8.68 15.17
CA LYS B 150 3.62 8.30 16.07
C LYS B 150 4.20 7.70 17.37
N ASP B 151 3.59 8.06 18.50
CA ASP B 151 4.08 7.64 19.82
C ASP B 151 4.21 6.12 19.89
N THR B 152 3.13 5.41 19.50
CA THR B 152 3.15 3.95 19.44
C THR B 152 2.58 3.52 18.11
N VAL B 153 3.26 2.58 17.45
CA VAL B 153 2.78 2.05 16.15
C VAL B 153 2.29 0.64 16.40
N ARG B 154 0.99 0.45 16.28
CA ARG B 154 0.26 -0.76 16.69
C ARG B 154 -0.44 -1.41 15.49
N GLY B 155 -0.81 -2.67 15.66
CA GLY B 155 -1.47 -3.41 14.59
C GLY B 155 -1.62 -4.85 15.03
N GLN B 156 -1.79 -5.74 14.07
CA GLN B 156 -2.04 -7.16 14.34
C GLN B 156 -0.87 -8.00 14.79
N GLU B 157 0.35 -7.60 14.53
CA GLU B 157 1.49 -8.23 15.17
C GLU B 157 1.82 -7.58 16.49
N GLU B 158 1.55 -8.29 17.59
CA GLU B 158 1.97 -7.84 18.92
C GLU B 158 3.50 -7.55 18.98
N THR B 159 4.29 -8.33 18.25
CA THR B 159 5.75 -8.17 18.24
C THR B 159 6.26 -7.91 16.80
N PRO B 160 6.32 -6.62 16.39
CA PRO B 160 6.82 -6.32 15.07
C PRO B 160 8.24 -6.76 14.82
N SER B 161 8.64 -6.97 13.58
CA SER B 161 10.05 -7.28 13.26
C SER B 161 11.02 -6.12 13.47
N TRP B 162 10.52 -4.90 13.28
CA TRP B 162 11.31 -3.71 13.31
C TRP B 162 11.40 -3.15 14.74
N GLU B 163 12.49 -2.45 15.00
CA GLU B 163 12.56 -1.48 16.09
C GLU B 163 12.00 -0.10 15.62
N HIS B 164 11.03 0.43 16.38
CA HIS B 164 10.50 1.76 16.16
C HIS B 164 11.48 2.83 16.70
N ILE B 165 11.92 3.69 15.80
CA ILE B 165 12.75 4.85 16.08
C ILE B 165 11.78 6.05 15.99
N LEU B 166 11.51 6.70 17.12
CA LEU B 166 10.60 7.82 17.17
C LEU B 166 11.20 9.03 16.53
N PHE B 167 10.61 9.51 15.45
CA PHE B 167 11.05 10.74 14.79
C PHE B 167 10.44 11.91 15.52
N THR B 168 11.29 12.83 15.97
CA THR B 168 10.80 13.88 16.84
C THR B 168 10.00 14.92 16.05
N CME B 169 8.81 15.26 16.59
CA CME B 169 7.95 16.33 16.09
CB CME B 169 6.74 15.86 15.27
SG CME B 169 7.26 15.05 13.77
SD CME B 169 7.19 16.54 12.40
CE CME B 169 8.86 16.94 12.72
C CME B 169 7.45 17.10 17.28
O CME B 169 7.52 16.62 18.39
N CME B 170 6.94 18.29 17.06
CA CME B 170 6.45 19.11 18.18
CB CME B 170 5.85 20.44 17.70
SG CME B 170 6.98 21.46 16.75
SD CME B 170 8.57 21.74 17.93
C CME B 170 5.46 18.35 18.97
O CME B 170 5.49 18.43 20.21
N HIS B 171 4.60 17.58 18.30
CA HIS B 171 3.54 16.87 19.05
C HIS B 171 3.99 15.77 20.01
N ASN B 172 5.21 15.23 19.82
CA ASN B 172 5.78 14.12 20.63
C ASN B 172 7.05 14.52 21.43
N ARG B 173 7.44 15.79 21.30
CA ARG B 173 8.73 16.34 21.80
C ARG B 173 8.86 16.13 23.30
N HIS B 174 7.74 16.28 23.97
CA HIS B 174 7.69 16.16 25.44
C HIS B 174 7.50 14.73 25.98
N LEU B 175 7.34 13.75 25.10
CA LEU B 175 7.25 12.37 25.56
C LEU B 175 8.53 11.93 26.18
N VAL B 176 8.34 11.23 27.29
CA VAL B 176 9.43 10.69 28.07
C VAL B 176 9.47 9.21 27.72
N LEU B 177 10.60 8.82 27.11
CA LEU B 177 10.77 7.48 26.62
C LEU B 177 11.60 6.70 27.62
N PRO B 178 11.32 5.40 27.71
CA PRO B 178 12.23 4.54 28.45
C PRO B 178 13.56 4.48 27.70
N PRO B 179 14.64 4.06 28.40
CA PRO B 179 15.99 3.89 27.82
C PRO B 179 16.05 2.89 26.64
N THR B 180 15.15 1.89 26.65
CA THR B 180 15.11 0.89 25.60
C THR B 180 14.51 1.45 24.28
N ARG B 181 13.88 2.63 24.33
CA ARG B 181 13.35 3.25 23.10
C ARG B 181 14.25 4.37 22.62
N ARG B 182 14.44 4.45 21.32
CA ARG B 182 15.29 5.47 20.75
C ARG B 182 14.51 6.50 19.99
N ARG B 183 15.13 7.64 19.84
CA ARG B 183 14.53 8.77 19.25
C ARG B 183 15.55 9.35 18.27
N LEU B 184 15.10 9.78 17.11
CA LEU B 184 15.84 10.60 16.21
C LEU B 184 15.32 12.02 16.38
N LEU B 185 16.20 12.97 16.65
CA LEU B 185 15.78 14.36 16.89
C LEU B 185 15.35 15.13 15.66
N SER B 186 15.89 14.71 14.52
CA SER B 186 15.74 15.39 13.23
C SER B 186 16.55 14.58 12.21
N TRP B 187 16.47 14.93 10.94
CA TRP B 187 17.28 14.21 9.95
C TRP B 187 18.72 14.63 10.03
N SER B 188 19.03 15.69 10.80
CA SER B 188 20.45 16.06 11.03
C SER B 188 21.07 15.31 12.19
N ASP B 189 20.25 14.53 12.92
CA ASP B 189 20.67 13.64 13.98
C ASP B 189 21.33 12.42 13.36
N ASN B 190 21.86 11.53 14.20
CA ASN B 190 22.82 10.52 13.69
C ASN B 190 22.08 9.23 13.30
N TRP B 191 21.38 9.34 12.20
CA TRP B 191 20.63 8.18 11.70
C TRP B 191 21.58 7.06 11.17
N ARG B 192 22.72 7.44 10.64
CA ARG B 192 23.68 6.44 10.21
C ARG B 192 24.10 5.51 11.33
N GLU B 193 24.37 6.08 12.51
CA GLU B 193 24.70 5.24 13.64
C GLU B 193 23.59 4.32 14.01
N ILE B 194 22.34 4.78 13.91
CA ILE B 194 21.21 3.90 14.20
C ILE B 194 21.16 2.72 13.20
N LEU B 195 21.34 3.01 11.92
CA LEU B 195 21.31 1.95 10.92
C LEU B 195 22.45 0.98 11.18
N ASP B 196 23.63 1.52 11.48
CA ASP B 196 24.82 0.67 11.73
C ASP B 196 24.58 -0.31 12.91
N SER B 197 23.86 0.14 13.92
CA SER B 197 23.57 -0.70 15.09
C SER B 197 22.75 -1.94 14.78
N LYS B 198 22.12 -1.98 13.59
CA LYS B 198 21.36 -3.15 13.19
C LYS B 198 22.09 -4.03 12.18
N ARG B 199 23.21 -3.57 11.64
CA ARG B 199 23.97 -4.45 10.75
C ARG B 199 24.63 -5.58 11.58
MG MG C . -2.70 -11.01 -9.70
OP2 O84 D . 3.84 -1.68 -16.14
P O84 D . 3.96 -2.34 -14.77
OP1 O84 D . 3.36 -1.52 -13.67
OP3 O84 D . 5.40 -2.72 -14.40
CAB O84 D . 3.17 -3.96 -14.74
C2 O84 D . 3.12 -4.49 -13.37
CAA O84 D . 2.08 -4.12 -12.50
C9 O84 D . 2.13 -4.60 -11.19
C10 O84 D . 3.16 -5.38 -10.71
C11 O84 D . 4.23 -5.71 -11.56
C12 O84 D . 4.20 -5.25 -12.87
O3' O84 D . 1.79 -3.89 -15.15
O7 O84 D . 3.77 -4.84 -15.64
C5' O84 D . 3.67 -4.80 -17.01
C4' O84 D . 2.22 -4.54 -17.44
O4' O84 D . 1.63 -5.83 -17.42
C3' O84 D . 1.41 -3.63 -16.51
C2' O84 D . -0.04 -4.14 -16.77
C1' O84 D . 0.27 -5.62 -17.19
N9 O84 D . -0.28 -6.60 -16.29
C4 O84 D . -0.22 -6.39 -14.91
C8 O84 D . -0.86 -7.75 -16.82
O2 O84 D . -0.85 -8.02 -18.05
N1 O84 D . -1.42 -8.64 -15.87
C6 O84 D . -1.48 -8.39 -14.47
O6 O84 D . -2.17 -9.21 -13.78
C5 O84 D . -0.85 -7.18 -13.99
C17 O84 D . -0.73 -6.80 -12.55
C18 O84 D . -1.25 -7.34 -11.50
C19 O84 D . -1.04 -6.85 -10.11
P2 O84 D . -0.83 -8.16 -8.95
O11 O84 D . -2.13 -9.04 -9.06
O9 O84 D . -0.88 -7.54 -7.55
O10 O84 D . 0.45 -9.01 -9.19
MG MG E . 3.78 9.95 10.71
OP2 O84 F . -9.37 9.54 10.13
P O84 F . -8.23 8.52 10.03
OP1 O84 F . -8.00 8.19 8.56
OP3 O84 F . -8.59 7.32 10.93
CAB O84 F . -6.75 9.12 10.74
C2 O84 F . -5.69 8.12 10.51
CAA O84 F . -4.85 8.22 9.40
C9 O84 F . -3.85 7.25 9.19
C10 O84 F . -3.75 6.13 9.98
C11 O84 F . -4.62 6.03 11.09
C12 O84 F . -5.59 6.99 11.33
O3' O84 F . -6.30 10.33 10.12
O7 O84 F . -6.94 9.42 12.08
C5' O84 F . -7.52 10.47 12.73
C4' O84 F . -7.21 11.71 11.91
O4' O84 F . -5.98 12.14 12.52
C3' O84 F . -6.95 11.54 10.39
C2' O84 F . -6.04 12.76 10.16
C1' O84 F . -5.37 12.98 11.55
N9 O84 F . -3.95 12.76 11.53
C4 O84 F . -3.39 11.73 10.77
C8 O84 F . -3.15 13.64 12.26
O2 O84 F . -3.65 14.56 12.99
N1 O84 F . -1.79 13.45 12.13
C6 O84 F . -1.19 12.45 11.35
O6 O84 F . 0.05 12.49 11.30
C5 O84 F . -2.07 11.54 10.61
C17 O84 F . -1.58 10.37 9.82
C18 O84 F . -0.35 10.05 9.50
C19 O84 F . -0.05 8.83 8.70
P2 O84 F . 1.28 7.93 9.30
O11 O84 F . 2.45 8.96 9.31
O9 O84 F . 1.62 6.88 8.27
O10 O84 F . 1.02 7.37 10.69
#